data_7F6W
#
_entry.id   7F6W
#
_cell.length_a   111.100
_cell.length_b   111.100
_cell.length_c   239.130
_cell.angle_alpha   90.000
_cell.angle_beta   90.000
_cell.angle_gamma   90.000
#
_symmetry.space_group_name_H-M   'P 41 21 2'
#
loop_
_entity.id
_entity.type
_entity.pdbx_description
1 polymer 'Lysine--tRNA ligase'
2 non-polymer "5'-O-[(L-LYSYLAMINO)SULFONYL]ADENOSINE"
3 non-polymer 1-(2-METHOXY-ETHOXY)-2-{2-[2-(2-METHOXY-ETHOXY]-ETHOXY}-ETHANE
4 water water
#
_entity_poly.entity_id   1
_entity_poly.type   'polypeptide(L)'
_entity_poly.pdbx_seq_one_letter_code
;MADLDPSQYFETRSRQIQELRKTHEPNPYPHKFHVSISNPEFLAKYAHLKKGETLPEEKVSIAGRIHAKRESGSKLKFYV
LHGDGVEVQLMSQLQDYCDPDSYEKDHDLLKRGDIVGVEGYVGRTQPKKGGEGEVSVFVSRVQLLTPCLHMLPADHFGFK
DQETRYRKRYLDLIMNKDARNRFITRSEIIRYIRRFLDQRKFIEVETPMMNVIAGGATAKPFITHHNDLDMDMYMRIAPE
LFLKQLVVGGLDRVYEIGRQFRNEGIDMTHNPEFTTCEFYQAYADVYDLMDMTELMFSEMVKEITGSYIIKYHPDPADPA
KELELNFSRPWKRINMIEELEKVFNVKFPSGDQLHTAETGEFLKKILVDNKLECPPPLTNARMLDKLVGELEDTCINPTF
IFGHPQMMSPLAKYSRDQPGLCERFEVFVATKEICNAYTELNDPFDQRARFEEQARQKDQGDDEAQLVDETFCNALEYGL
PPTGGWGCGIDRLAMFLTDSNTIREVLLFPTLKPDVLEHHHHHH
;
_entity_poly.pdbx_strand_id   A
#
# COMPACT_ATOMS: atom_id res chain seq x y z
N ASP A 5 -25.01 -10.77 26.59
CA ASP A 5 -24.33 -12.06 26.59
C ASP A 5 -22.84 -11.97 26.19
N PRO A 6 -22.51 -11.16 25.16
CA PRO A 6 -21.08 -10.92 24.91
C PRO A 6 -20.36 -10.34 26.11
N SER A 7 -20.99 -9.39 26.81
CA SER A 7 -20.41 -8.89 28.05
C SER A 7 -20.38 -9.97 29.12
N GLN A 8 -21.42 -10.83 29.14
CA GLN A 8 -21.46 -11.92 30.10
C GLN A 8 -20.37 -12.94 29.82
N TYR A 9 -20.13 -13.24 28.55
CA TYR A 9 -19.04 -14.15 28.19
C TYR A 9 -17.69 -13.57 28.59
N PHE A 10 -17.48 -12.28 28.32
CA PHE A 10 -16.20 -11.65 28.65
C PHE A 10 -15.96 -11.64 30.15
N GLU A 11 -17.01 -11.41 30.94
CA GLU A 11 -16.86 -11.40 32.39
C GLU A 11 -16.67 -12.80 32.95
N THR A 12 -17.33 -13.80 32.35
CA THR A 12 -17.19 -15.17 32.84
C THR A 12 -15.82 -15.73 32.50
N ARG A 13 -15.38 -15.54 31.25
CA ARG A 13 -14.06 -16.03 30.86
C ARG A 13 -12.95 -15.31 31.62
N SER A 14 -13.15 -14.03 31.95
CA SER A 14 -12.13 -13.30 32.71
C SER A 14 -11.97 -13.87 34.10
N ARG A 15 -13.07 -14.09 34.82
CA ARG A 15 -12.99 -14.68 36.15
C ARG A 15 -12.37 -16.07 36.10
N GLN A 16 -12.69 -16.83 35.05
CA GLN A 16 -12.13 -18.17 34.90
C GLN A 16 -10.62 -18.12 34.68
N ILE A 17 -10.17 -17.27 33.75
CA ILE A 17 -8.74 -17.15 33.50
C ILE A 17 -8.02 -16.53 34.69
N GLN A 18 -8.66 -15.54 35.34
CA GLN A 18 -8.05 -14.92 36.51
C GLN A 18 -7.80 -15.94 37.61
N GLU A 19 -8.73 -16.89 37.77
CA GLU A 19 -8.52 -17.96 38.75
C GLU A 19 -7.33 -18.82 38.35
N LEU A 20 -7.22 -19.13 37.06
CA LEU A 20 -6.10 -19.96 36.60
C LEU A 20 -4.76 -19.26 36.78
N ARG A 21 -4.75 -17.93 36.79
CA ARG A 21 -3.51 -17.23 37.04
C ARG A 21 -3.04 -17.40 38.48
N LYS A 22 -3.98 -17.57 39.42
CA LYS A 22 -3.59 -17.81 40.81
C LYS A 22 -3.24 -19.28 41.06
N THR A 23 -4.07 -20.20 40.54
CA THR A 23 -3.93 -21.63 40.76
C THR A 23 -2.79 -22.25 39.95
N HIS A 24 -2.70 -21.86 38.67
CA HIS A 24 -1.64 -22.30 37.76
C HIS A 24 -1.66 -23.81 37.50
N GLU A 25 -2.78 -24.49 37.76
CA GLU A 25 -2.88 -25.87 37.29
C GLU A 25 -2.88 -25.92 35.77
N PRO A 26 -3.66 -25.09 35.04
CA PRO A 26 -3.44 -24.98 33.59
C PRO A 26 -2.45 -23.89 33.20
N ASN A 27 -2.24 -22.88 34.05
CA ASN A 27 -1.37 -21.74 33.73
C ASN A 27 -1.78 -21.08 32.42
N PRO A 28 -2.83 -20.24 32.42
CA PRO A 28 -3.43 -19.81 31.15
C PRO A 28 -2.50 -19.03 30.22
N TYR A 29 -1.37 -18.51 30.72
CA TYR A 29 -0.45 -17.73 29.89
C TYR A 29 0.96 -18.31 29.99
N PRO A 30 1.19 -19.48 29.41
CA PRO A 30 2.53 -20.08 29.45
C PRO A 30 3.51 -19.27 28.62
N HIS A 31 4.79 -19.58 28.80
CA HIS A 31 5.86 -18.78 28.22
C HIS A 31 6.27 -19.28 26.83
N LYS A 32 6.59 -20.57 26.71
CA LYS A 32 7.16 -21.10 25.48
C LYS A 32 6.50 -22.41 25.11
N PHE A 33 6.13 -22.55 23.84
CA PHE A 33 5.66 -23.81 23.27
C PHE A 33 6.50 -24.09 22.03
N HIS A 34 7.01 -25.31 21.92
CA HIS A 34 7.91 -25.69 20.83
C HIS A 34 7.08 -26.19 19.66
N VAL A 35 7.07 -25.41 18.57
CA VAL A 35 6.38 -25.77 17.35
C VAL A 35 7.32 -26.61 16.49
N SER A 36 6.92 -27.85 16.19
CA SER A 36 7.76 -28.72 15.37
C SER A 36 7.70 -28.32 13.91
N ILE A 37 6.57 -27.81 13.44
CA ILE A 37 6.37 -27.55 12.01
C ILE A 37 5.24 -26.55 11.87
N SER A 38 5.39 -25.63 10.93
CA SER A 38 4.35 -24.66 10.65
C SER A 38 3.15 -25.34 9.97
N ASN A 39 1.98 -24.73 10.14
CA ASN A 39 0.76 -25.31 9.56
C ASN A 39 0.83 -25.46 8.04
N PRO A 40 1.29 -24.47 7.26
CA PRO A 40 1.39 -24.69 5.81
C PRO A 40 2.34 -25.83 5.45
N GLU A 41 3.53 -25.88 6.05
CA GLU A 41 4.45 -26.98 5.80
C GLU A 41 3.82 -28.32 6.17
N PHE A 42 3.04 -28.34 7.26
CA PHE A 42 2.37 -29.56 7.68
C PHE A 42 1.43 -30.08 6.59
N LEU A 43 0.59 -29.19 6.05
CA LEU A 43 -0.37 -29.60 5.03
C LEU A 43 0.32 -30.03 3.74
N ALA A 44 1.48 -29.45 3.42
CA ALA A 44 2.18 -29.82 2.20
C ALA A 44 2.98 -31.09 2.38
N LYS A 45 3.57 -31.29 3.56
CA LYS A 45 4.41 -32.46 3.80
C LYS A 45 3.61 -33.76 3.75
N TYR A 46 2.34 -33.73 4.17
CA TYR A 46 1.55 -34.93 4.32
C TYR A 46 0.33 -34.96 3.41
N ALA A 47 0.27 -34.10 2.39
CA ALA A 47 -0.85 -34.12 1.46
C ALA A 47 -0.88 -35.40 0.64
N HIS A 48 0.25 -36.10 0.52
CA HIS A 48 0.31 -37.35 -0.24
C HIS A 48 -0.46 -38.49 0.42
N LEU A 49 -0.91 -38.31 1.66
CA LEU A 49 -1.61 -39.38 2.37
C LEU A 49 -2.95 -39.67 1.71
N LYS A 50 -3.26 -40.97 1.61
CA LYS A 50 -4.55 -41.39 1.07
C LYS A 50 -5.62 -41.32 2.16
N LYS A 51 -6.87 -41.19 1.71
CA LYS A 51 -8.01 -41.08 2.63
C LYS A 51 -8.08 -42.30 3.55
N GLY A 52 -7.88 -42.07 4.85
CA GLY A 52 -7.92 -43.12 5.84
C GLY A 52 -6.57 -43.59 6.34
N GLU A 53 -5.48 -43.18 5.70
CA GLU A 53 -4.14 -43.63 6.06
C GLU A 53 -3.55 -42.73 7.14
N THR A 54 -2.90 -43.35 8.12
CA THR A 54 -2.26 -42.63 9.22
C THR A 54 -0.84 -43.15 9.43
N LEU A 55 0.01 -42.29 10.00
CA LEU A 55 1.36 -42.65 10.41
C LEU A 55 1.51 -42.37 11.89
N PRO A 56 1.19 -43.33 12.76
CA PRO A 56 1.31 -43.07 14.21
C PRO A 56 2.73 -42.82 14.67
N GLU A 57 3.73 -43.13 13.85
CA GLU A 57 5.12 -42.88 14.24
C GLU A 57 5.52 -41.43 14.03
N GLU A 58 4.85 -40.72 13.12
CA GLU A 58 5.21 -39.35 12.78
C GLU A 58 4.62 -38.40 13.82
N LYS A 59 5.45 -37.98 14.77
CA LYS A 59 5.03 -37.07 15.83
C LYS A 59 5.26 -35.63 15.40
N VAL A 60 4.24 -34.79 15.59
CA VAL A 60 4.31 -33.37 15.26
C VAL A 60 3.82 -32.55 16.44
N SER A 61 4.11 -31.25 16.39
CA SER A 61 3.58 -30.28 17.35
C SER A 61 3.36 -28.98 16.60
N ILE A 62 2.12 -28.49 16.60
CA ILE A 62 1.76 -27.28 15.88
C ILE A 62 0.95 -26.38 16.82
N ALA A 63 0.74 -25.14 16.38
CA ALA A 63 0.00 -24.18 17.18
C ALA A 63 -0.80 -23.26 16.26
N GLY A 64 -1.82 -22.63 16.83
CA GLY A 64 -2.67 -21.75 16.07
C GLY A 64 -3.87 -21.33 16.89
N ARG A 65 -4.76 -20.60 16.24
CA ARG A 65 -5.97 -20.08 16.87
C ARG A 65 -7.16 -20.98 16.54
N ILE A 66 -7.95 -21.29 17.55
CA ILE A 66 -9.15 -22.10 17.35
C ILE A 66 -10.21 -21.26 16.65
N HIS A 67 -10.62 -21.69 15.46
CA HIS A 67 -11.72 -21.05 14.77
C HIS A 67 -13.00 -21.88 14.78
N ALA A 68 -12.90 -23.17 15.09
CA ALA A 68 -14.07 -24.04 15.15
C ALA A 68 -13.79 -25.17 16.12
N LYS A 69 -14.80 -25.53 16.91
CA LYS A 69 -14.71 -26.65 17.83
C LYS A 69 -16.05 -27.38 17.85
N ARG A 70 -16.01 -28.70 17.68
CA ARG A 70 -17.18 -29.54 17.75
C ARG A 70 -16.86 -30.77 18.57
N GLU A 71 -17.86 -31.29 19.28
CA GLU A 71 -17.69 -32.48 20.09
C GLU A 71 -18.90 -33.37 19.90
N SER A 72 -18.67 -34.62 19.50
CA SER A 72 -19.70 -35.62 19.36
C SER A 72 -19.49 -36.66 20.45
N GLY A 73 -20.49 -36.83 21.30
CA GLY A 73 -20.30 -37.70 22.45
C GLY A 73 -19.33 -37.07 23.43
N SER A 74 -18.73 -37.94 24.25
CA SER A 74 -17.80 -37.51 25.28
C SER A 74 -16.36 -37.95 25.04
N LYS A 75 -16.11 -38.78 24.03
CA LYS A 75 -14.78 -39.32 23.78
C LYS A 75 -14.22 -38.91 22.43
N LEU A 76 -14.86 -37.96 21.74
CA LEU A 76 -14.40 -37.51 20.43
C LEU A 76 -14.66 -36.01 20.30
N LYS A 77 -13.62 -35.26 19.94
CA LYS A 77 -13.73 -33.83 19.70
C LYS A 77 -12.89 -33.45 18.48
N PHE A 78 -13.35 -32.44 17.76
CA PHE A 78 -12.65 -31.91 16.59
C PHE A 78 -12.38 -30.43 16.78
N TYR A 79 -11.24 -29.99 16.25
CA TYR A 79 -10.88 -28.57 16.22
C TYR A 79 -10.45 -28.20 14.81
N VAL A 80 -10.47 -26.90 14.53
CA VAL A 80 -9.92 -26.35 13.29
C VAL A 80 -9.05 -25.17 13.66
N LEU A 81 -7.74 -25.28 13.42
CA LEU A 81 -6.78 -24.25 13.76
C LEU A 81 -6.47 -23.38 12.55
N HIS A 82 -6.35 -22.08 12.78
CA HIS A 82 -5.90 -21.14 11.75
C HIS A 82 -4.48 -20.72 12.09
N GLY A 83 -3.58 -20.83 11.11
CA GLY A 83 -2.22 -20.41 11.30
C GLY A 83 -1.47 -20.16 10.00
N ASP A 84 -0.84 -19.00 9.88
CA ASP A 84 -0.05 -18.63 8.71
C ASP A 84 -0.88 -18.74 7.43
N GLY A 85 -2.13 -18.30 7.50
CA GLY A 85 -3.00 -18.30 6.33
C GLY A 85 -3.46 -19.67 5.88
N VAL A 86 -3.46 -20.66 6.77
CA VAL A 86 -3.81 -22.03 6.44
C VAL A 86 -4.63 -22.60 7.58
N GLU A 87 -5.63 -23.42 7.24
CA GLU A 87 -6.53 -24.02 8.20
C GLU A 87 -6.22 -25.51 8.34
N VAL A 88 -6.03 -25.95 9.58
CA VAL A 88 -5.64 -27.32 9.88
C VAL A 88 -6.64 -27.90 10.88
N GLN A 89 -7.11 -29.11 10.62
CA GLN A 89 -8.08 -29.77 11.48
C GLN A 89 -7.40 -30.68 12.49
N LEU A 90 -7.89 -30.66 13.73
CA LEU A 90 -7.43 -31.57 14.77
C LEU A 90 -8.53 -32.57 15.10
N MET A 91 -8.12 -33.82 15.32
CA MET A 91 -8.98 -34.91 15.76
C MET A 91 -8.46 -35.43 17.09
N SER A 92 -9.29 -35.44 18.13
CA SER A 92 -8.86 -35.90 19.46
C SER A 92 -9.80 -36.99 19.94
N GLN A 93 -9.48 -38.24 19.61
CA GLN A 93 -10.12 -39.37 20.25
C GLN A 93 -9.49 -39.60 21.62
N LEU A 94 -10.24 -40.24 22.51
CA LEU A 94 -9.64 -40.45 23.82
C LEU A 94 -8.59 -41.55 23.78
N GLN A 95 -8.70 -42.53 22.87
CA GLN A 95 -7.68 -43.57 22.78
C GLN A 95 -6.35 -43.05 22.28
N ASP A 96 -6.32 -41.86 21.68
CA ASP A 96 -5.08 -41.25 21.21
C ASP A 96 -4.46 -40.32 22.23
N TYR A 97 -5.20 -39.93 23.26
CA TYR A 97 -4.73 -38.93 24.21
C TYR A 97 -3.83 -39.56 25.26
N CYS A 98 -2.59 -39.06 25.34
CA CYS A 98 -1.74 -39.41 26.48
C CYS A 98 -2.36 -38.86 27.76
N ASP A 99 -2.30 -39.65 28.83
CA ASP A 99 -2.94 -39.30 30.09
C ASP A 99 -4.43 -39.09 29.90
N PRO A 100 -5.21 -40.17 29.69
CA PRO A 100 -6.66 -40.00 29.50
C PRO A 100 -7.37 -39.38 30.67
N ASP A 101 -6.78 -39.41 31.87
CA ASP A 101 -7.41 -38.78 33.03
C ASP A 101 -7.45 -37.26 32.92
N SER A 102 -6.59 -36.67 32.08
CA SER A 102 -6.60 -35.24 31.83
C SER A 102 -7.35 -34.87 30.56
N TYR A 103 -7.89 -35.85 29.84
CA TYR A 103 -8.46 -35.61 28.54
C TYR A 103 -9.62 -34.62 28.60
N GLU A 104 -10.59 -34.87 29.49
CA GLU A 104 -11.77 -34.01 29.51
C GLU A 104 -11.47 -32.65 30.13
N LYS A 105 -10.61 -32.62 31.16
CA LYS A 105 -10.28 -31.34 31.78
C LYS A 105 -9.42 -30.47 30.87
N ASP A 106 -8.58 -31.09 30.03
CA ASP A 106 -7.77 -30.32 29.10
C ASP A 106 -8.63 -29.70 28.00
N HIS A 107 -9.68 -30.40 27.59
CA HIS A 107 -10.49 -29.95 26.46
C HIS A 107 -11.54 -28.92 26.87
N ASP A 108 -12.18 -29.13 28.03
CA ASP A 108 -13.27 -28.26 28.45
C ASP A 108 -12.81 -26.81 28.64
N LEU A 109 -11.52 -26.59 28.88
CA LEU A 109 -11.01 -25.24 29.07
C LEU A 109 -10.87 -24.49 27.75
N LEU A 110 -10.67 -25.20 26.64
CA LEU A 110 -10.45 -24.56 25.36
C LEU A 110 -11.77 -24.09 24.76
N LYS A 111 -11.80 -22.82 24.35
CA LYS A 111 -12.96 -22.22 23.70
C LYS A 111 -12.55 -21.70 22.33
N ARG A 112 -13.55 -21.42 21.50
CA ARG A 112 -13.31 -20.87 20.18
C ARG A 112 -12.60 -19.52 20.30
N GLY A 113 -11.51 -19.36 19.57
CA GLY A 113 -10.73 -18.14 19.57
C GLY A 113 -9.42 -18.22 20.34
N ASP A 114 -9.19 -19.30 21.08
CA ASP A 114 -8.00 -19.40 21.92
C ASP A 114 -6.80 -19.86 21.09
N ILE A 115 -5.63 -19.33 21.45
CA ILE A 115 -4.36 -19.81 20.91
C ILE A 115 -3.96 -21.06 21.68
N VAL A 116 -3.80 -22.18 20.97
CA VAL A 116 -3.48 -23.45 21.60
C VAL A 116 -2.30 -24.10 20.90
N GLY A 117 -1.55 -24.88 21.67
CA GLY A 117 -0.52 -25.77 21.13
C GLY A 117 -1.00 -27.20 21.27
N VAL A 118 -0.69 -28.03 20.28
CA VAL A 118 -1.23 -29.39 20.23
C VAL A 118 -0.13 -30.33 19.72
N GLU A 119 -0.08 -31.52 20.30
CA GLU A 119 0.82 -32.58 19.87
C GLU A 119 0.00 -33.78 19.41
N GLY A 120 0.61 -34.61 18.59
CA GLY A 120 -0.06 -35.79 18.06
C GLY A 120 0.68 -36.32 16.84
N TYR A 121 -0.01 -37.18 16.10
CA TYR A 121 0.55 -37.75 14.89
C TYR A 121 -0.33 -37.40 13.68
N VAL A 122 0.07 -37.90 12.52
CA VAL A 122 -0.46 -37.44 11.24
C VAL A 122 -1.38 -38.51 10.65
N GLY A 123 -2.38 -38.06 9.92
CA GLY A 123 -3.28 -38.95 9.22
C GLY A 123 -4.36 -38.16 8.52
N ARG A 124 -4.90 -38.75 7.46
CA ARG A 124 -5.99 -38.16 6.70
C ARG A 124 -7.29 -38.85 7.09
N THR A 125 -8.26 -38.07 7.55
CA THR A 125 -9.54 -38.63 7.96
C THR A 125 -10.30 -39.19 6.75
N GLN A 126 -11.35 -39.96 7.04
CA GLN A 126 -12.17 -40.59 6.01
C GLN A 126 -13.63 -40.31 6.34
N PRO A 127 -14.20 -39.23 5.82
CA PRO A 127 -15.61 -38.94 6.09
C PRO A 127 -16.52 -39.93 5.40
N LYS A 128 -17.54 -40.39 6.13
CA LYS A 128 -18.51 -41.30 5.56
C LYS A 128 -19.51 -40.61 4.63
N LYS A 129 -19.62 -39.29 4.72
CA LYS A 129 -20.66 -38.54 4.01
C LYS A 129 -20.14 -37.55 2.99
N GLY A 130 -18.88 -37.12 3.08
CA GLY A 130 -18.40 -36.08 2.19
C GLY A 130 -17.14 -36.40 1.42
N GLY A 131 -16.37 -37.37 1.91
CA GLY A 131 -15.16 -37.80 1.22
C GLY A 131 -14.06 -36.74 1.12
N GLU A 132 -13.03 -37.12 0.37
CA GLU A 132 -11.88 -36.28 0.01
C GLU A 132 -10.91 -36.09 1.17
N GLY A 133 -11.28 -36.53 2.37
CA GLY A 133 -10.36 -36.52 3.51
C GLY A 133 -9.86 -35.16 3.93
N GLU A 134 -9.13 -35.11 5.03
CA GLU A 134 -8.49 -33.89 5.49
C GLU A 134 -7.28 -34.25 6.33
N VAL A 135 -6.11 -33.74 5.94
CA VAL A 135 -4.89 -34.00 6.69
C VAL A 135 -5.03 -33.40 8.08
N SER A 136 -4.96 -34.24 9.10
CA SER A 136 -5.29 -33.84 10.46
C SER A 136 -4.20 -34.27 11.43
N VAL A 137 -4.20 -33.62 12.59
CA VAL A 137 -3.35 -34.00 13.72
C VAL A 137 -4.19 -34.87 14.65
N PHE A 138 -3.71 -36.07 14.93
CA PHE A 138 -4.41 -36.99 15.83
C PHE A 138 -3.88 -36.74 17.23
N VAL A 139 -4.66 -36.01 18.02
CA VAL A 139 -4.15 -35.31 19.19
C VAL A 139 -3.73 -36.30 20.27
N SER A 140 -2.55 -36.07 20.84
CA SER A 140 -2.11 -36.74 22.05
C SER A 140 -2.12 -35.83 23.27
N ARG A 141 -1.83 -34.54 23.09
CA ARG A 141 -1.93 -33.55 24.14
C ARG A 141 -2.30 -32.21 23.53
N VAL A 142 -3.20 -31.49 24.19
CA VAL A 142 -3.59 -30.14 23.78
C VAL A 142 -3.35 -29.21 24.96
N GLN A 143 -2.93 -27.98 24.66
CA GLN A 143 -2.49 -27.06 25.71
C GLN A 143 -2.88 -25.64 25.33
N LEU A 144 -3.41 -24.91 26.31
CA LEU A 144 -3.82 -23.52 26.11
C LEU A 144 -2.60 -22.60 26.18
N LEU A 145 -2.37 -21.84 25.12
CA LEU A 145 -1.28 -20.87 25.07
C LEU A 145 -1.73 -19.46 25.42
N THR A 146 -2.82 -19.01 24.81
CA THR A 146 -3.40 -17.70 25.14
C THR A 146 -4.91 -17.78 25.06
N PRO A 147 -5.62 -17.48 26.13
CA PRO A 147 -7.09 -17.49 26.09
C PRO A 147 -7.63 -16.23 25.43
N CYS A 148 -8.69 -16.40 24.65
CA CYS A 148 -9.41 -15.29 24.05
C CYS A 148 -10.58 -14.94 24.95
N LEU A 149 -10.53 -13.77 25.57
CA LEU A 149 -11.53 -13.38 26.55
C LEU A 149 -12.83 -12.92 25.92
N HIS A 150 -12.81 -12.51 24.66
CA HIS A 150 -13.99 -11.98 24.01
C HIS A 150 -14.64 -13.03 23.10
N MET A 151 -15.94 -12.87 22.88
CA MET A 151 -16.66 -13.71 21.94
C MET A 151 -16.48 -13.16 20.53
N LEU A 152 -15.94 -13.98 19.63
CA LEU A 152 -15.75 -13.52 18.28
C LEU A 152 -17.08 -13.48 17.53
N PRO A 153 -17.24 -12.52 16.62
CA PRO A 153 -18.51 -12.41 15.88
C PRO A 153 -18.74 -13.60 14.97
N ALA A 154 -19.99 -13.75 14.54
CA ALA A 154 -20.38 -14.84 13.65
C ALA A 154 -19.85 -14.61 12.25
N PHE A 159 -19.71 -9.53 10.07
CA PHE A 159 -18.75 -8.54 10.53
C PHE A 159 -18.45 -7.55 9.40
N LYS A 160 -19.40 -7.45 8.47
CA LYS A 160 -19.16 -6.77 7.19
C LYS A 160 -18.67 -5.34 7.37
N ASP A 161 -19.14 -4.65 8.40
CA ASP A 161 -18.95 -3.21 8.53
C ASP A 161 -17.50 -2.79 8.29
N GLN A 162 -17.32 -1.63 7.67
CA GLN A 162 -16.06 -1.21 7.08
C GLN A 162 -15.17 -0.46 8.05
N GLU A 163 -15.67 0.65 8.61
CA GLU A 163 -14.81 1.53 9.39
C GLU A 163 -14.56 1.02 10.80
N THR A 164 -15.31 0.00 11.26
CA THR A 164 -14.91 -0.68 12.48
C THR A 164 -13.74 -1.61 12.22
N ARG A 165 -13.60 -2.09 10.99
CA ARG A 165 -12.46 -2.93 10.63
C ARG A 165 -11.16 -2.16 10.62
N TYR A 166 -11.20 -0.83 10.50
CA TYR A 166 -9.98 -0.04 10.44
C TYR A 166 -9.45 0.28 11.83
N ARG A 167 -10.35 0.44 12.82
CA ARG A 167 -9.93 0.68 14.19
C ARG A 167 -9.46 -0.60 14.89
N LYS A 168 -9.91 -1.75 14.42
CA LYS A 168 -9.56 -3.06 14.99
C LYS A 168 -9.08 -4.01 13.90
N ARG A 169 -8.11 -3.52 13.12
CA ARG A 169 -7.49 -4.24 11.98
C ARG A 169 -7.16 -5.67 12.37
N TYR A 170 -6.73 -5.88 13.63
CA TYR A 170 -6.39 -7.22 14.08
C TYR A 170 -7.61 -8.13 14.06
N LEU A 171 -8.78 -7.59 14.42
CA LEU A 171 -10.02 -8.37 14.34
C LEU A 171 -10.38 -8.67 12.89
N ASP A 172 -10.17 -7.69 12.00
CA ASP A 172 -10.38 -7.92 10.58
C ASP A 172 -9.53 -9.08 10.07
N LEU A 173 -8.24 -9.07 10.43
CA LEU A 173 -7.33 -10.13 9.98
C LEU A 173 -7.73 -11.49 10.55
N ILE A 174 -8.29 -11.51 11.76
CA ILE A 174 -8.70 -12.78 12.35
C ILE A 174 -9.91 -13.35 11.61
N MET A 175 -10.88 -12.51 11.26
CA MET A 175 -12.16 -13.00 10.78
C MET A 175 -12.17 -13.31 9.29
N ASN A 176 -11.34 -12.62 8.49
CA ASN A 176 -11.49 -12.68 7.04
C ASN A 176 -10.50 -13.60 6.34
N LYS A 177 -9.21 -13.30 6.51
CA LYS A 177 -8.04 -13.92 5.80
C LYS A 177 -8.00 -13.32 4.39
N ASP A 178 -9.11 -12.69 3.95
CA ASP A 178 -9.05 -11.97 2.68
C ASP A 178 -8.16 -10.74 2.81
N ALA A 179 -8.21 -10.08 3.98
CA ALA A 179 -7.34 -8.93 4.21
C ALA A 179 -5.88 -9.34 4.25
N ARG A 180 -5.59 -10.51 4.83
CA ARG A 180 -4.20 -10.93 5.02
C ARG A 180 -3.43 -10.97 3.69
N ASN A 181 -4.09 -11.39 2.62
CA ASN A 181 -3.37 -11.64 1.37
C ASN A 181 -2.93 -10.34 0.71
N ARG A 182 -3.78 -9.30 0.75
CA ARG A 182 -3.47 -8.08 0.01
C ARG A 182 -2.34 -7.30 0.67
N PHE A 183 -2.16 -7.44 1.98
CA PHE A 183 -1.01 -6.80 2.63
C PHE A 183 0.28 -7.55 2.34
N ILE A 184 0.20 -8.86 2.12
CA ILE A 184 1.36 -9.60 1.64
C ILE A 184 1.71 -9.19 0.22
N THR A 185 0.70 -9.04 -0.64
CA THR A 185 0.93 -8.55 -1.99
C THR A 185 1.56 -7.16 -1.97
N ARG A 186 1.05 -6.27 -1.13
CA ARG A 186 1.64 -4.95 -0.98
C ARG A 186 3.12 -5.05 -0.61
N SER A 187 3.47 -5.98 0.27
CA SER A 187 4.87 -6.22 0.59
C SER A 187 5.65 -6.66 -0.65
N GLU A 188 5.06 -7.53 -1.47
CA GLU A 188 5.75 -8.04 -2.64
C GLU A 188 5.95 -6.96 -3.70
N ILE A 189 5.06 -5.98 -3.77
CA ILE A 189 5.24 -4.87 -4.70
C ILE A 189 6.47 -4.06 -4.32
N ILE A 190 6.62 -3.75 -3.03
CA ILE A 190 7.77 -2.97 -2.57
C ILE A 190 9.07 -3.72 -2.80
N ARG A 191 9.06 -5.03 -2.59
CA ARG A 191 10.29 -5.81 -2.75
C ARG A 191 10.63 -6.01 -4.22
N TYR A 192 9.63 -6.03 -5.11
CA TYR A 192 9.92 -6.07 -6.53
C TYR A 192 10.64 -4.80 -6.97
N ILE A 193 10.17 -3.64 -6.50
CA ILE A 193 10.79 -2.38 -6.89
C ILE A 193 12.23 -2.30 -6.38
N ARG A 194 12.46 -2.73 -5.13
CA ARG A 194 13.82 -2.74 -4.61
C ARG A 194 14.73 -3.64 -5.44
N ARG A 195 14.24 -4.83 -5.81
CA ARG A 195 15.01 -5.73 -6.67
C ARG A 195 15.34 -5.06 -7.99
N PHE A 196 14.35 -4.40 -8.59
CA PHE A 196 14.56 -3.74 -9.88
C PHE A 196 15.67 -2.71 -9.81
N LEU A 197 15.67 -1.87 -8.77
CA LEU A 197 16.66 -0.80 -8.65
C LEU A 197 17.99 -1.32 -8.13
N ASP A 198 17.96 -2.26 -7.17
CA ASP A 198 19.20 -2.83 -6.66
C ASP A 198 20.00 -3.50 -7.77
N GLN A 199 19.32 -4.24 -8.65
CA GLN A 199 20.00 -4.90 -9.75
C GLN A 199 20.64 -3.90 -10.71
N ARG A 200 20.17 -2.65 -10.71
CA ARG A 200 20.74 -1.59 -11.52
C ARG A 200 21.71 -0.72 -10.72
N LYS A 201 22.23 -1.24 -9.60
CA LYS A 201 23.26 -0.58 -8.79
C LYS A 201 22.80 0.77 -8.25
N PHE A 202 21.53 0.83 -7.84
CA PHE A 202 21.03 1.97 -7.09
C PHE A 202 21.38 1.82 -5.62
N ILE A 203 21.63 2.96 -4.95
CA ILE A 203 21.88 2.98 -3.52
C ILE A 203 20.60 3.40 -2.81
N GLU A 204 20.18 2.60 -1.83
CA GLU A 204 19.02 2.95 -1.02
C GLU A 204 19.45 3.88 0.10
N VAL A 205 18.84 5.07 0.16
CA VAL A 205 19.26 6.12 1.07
C VAL A 205 18.07 6.55 1.93
N GLU A 206 18.35 7.37 2.92
CA GLU A 206 17.31 7.94 3.77
C GLU A 206 17.59 9.41 4.01
N THR A 207 16.59 10.22 3.74
CA THR A 207 16.64 11.67 3.85
C THR A 207 15.69 12.15 4.94
N PRO A 208 15.88 13.36 5.47
CA PRO A 208 15.12 13.78 6.66
C PRO A 208 13.61 13.82 6.40
N MET A 209 12.86 13.47 7.43
CA MET A 209 11.41 13.63 7.45
C MET A 209 10.96 14.87 8.19
N MET A 210 11.87 15.55 8.89
CA MET A 210 11.61 16.82 9.57
C MET A 210 12.55 17.86 8.99
N ASN A 211 11.99 18.81 8.24
CA ASN A 211 12.78 19.83 7.57
C ASN A 211 12.29 21.21 7.97
N VAL A 212 13.16 22.20 7.76
CA VAL A 212 12.75 23.59 7.95
C VAL A 212 11.96 24.10 6.77
N ILE A 213 12.14 23.50 5.59
CA ILE A 213 11.34 23.83 4.42
C ILE A 213 10.94 22.51 3.76
N ALA A 214 9.64 22.36 3.53
CA ALA A 214 9.08 21.16 2.93
C ALA A 214 8.86 21.43 1.45
N GLY A 215 9.74 20.89 0.61
CA GLY A 215 9.66 21.11 -0.82
C GLY A 215 9.54 19.81 -1.60
N GLY A 216 9.68 19.89 -2.93
CA GLY A 216 9.65 18.73 -3.78
C GLY A 216 8.27 18.34 -4.29
N ALA A 217 7.23 19.06 -3.91
CA ALA A 217 5.87 18.77 -4.35
C ALA A 217 4.99 19.96 -4.02
N THR A 218 3.75 19.90 -4.48
CA THR A 218 2.74 20.93 -4.22
C THR A 218 1.72 20.34 -3.26
N ALA A 219 1.83 20.71 -1.98
CA ALA A 219 0.95 20.17 -0.95
C ALA A 219 1.10 21.01 0.31
N LYS A 220 0.14 20.83 1.23
CA LYS A 220 0.14 21.47 2.54
C LYS A 220 0.81 20.55 3.56
N PRO A 221 1.82 21.02 4.28
CA PRO A 221 2.57 20.13 5.17
C PRO A 221 2.04 20.13 6.60
N PHE A 222 2.49 19.16 7.37
CA PHE A 222 2.28 19.14 8.81
C PHE A 222 3.39 19.92 9.50
N ILE A 223 3.02 20.58 10.61
CA ILE A 223 3.99 21.36 11.36
C ILE A 223 4.15 20.75 12.75
N THR A 224 5.36 20.82 13.26
CA THR A 224 5.69 20.30 14.59
C THR A 224 6.78 21.18 15.18
N HIS A 225 7.18 20.87 16.41
CA HIS A 225 8.11 21.71 17.14
C HIS A 225 9.11 20.84 17.91
N HIS A 226 10.39 21.19 17.79
CA HIS A 226 11.45 20.53 18.53
C HIS A 226 11.78 21.35 19.77
N ASN A 227 11.54 20.79 20.95
CA ASN A 227 11.62 21.56 22.19
C ASN A 227 13.06 21.94 22.50
N ASP A 228 13.97 20.97 22.47
CA ASP A 228 15.39 21.20 22.87
C ASP A 228 16.03 22.37 22.11
N LEU A 229 15.59 22.64 20.87
CA LEU A 229 16.18 23.70 20.07
C LEU A 229 15.22 24.86 19.82
N ASP A 230 14.02 24.83 20.42
CA ASP A 230 13.00 25.86 20.22
C ASP A 230 12.83 26.19 18.74
N MET A 231 12.43 25.17 17.98
CA MET A 231 12.50 25.20 16.52
C MET A 231 11.25 24.57 15.94
N ASP A 232 10.52 25.34 15.12
CA ASP A 232 9.41 24.80 14.37
C ASP A 232 9.92 24.07 13.13
N MET A 233 9.25 22.99 12.77
CA MET A 233 9.69 22.15 11.66
C MET A 233 8.49 21.61 10.90
N TYR A 234 8.70 21.33 9.62
CA TYR A 234 7.69 20.79 8.72
C TYR A 234 7.95 19.31 8.48
N MET A 235 6.93 18.47 8.56
CA MET A 235 7.06 17.10 8.07
C MET A 235 7.16 17.12 6.56
N ARG A 236 8.01 16.26 6.01
CA ARG A 236 8.32 16.32 4.58
C ARG A 236 7.10 15.93 3.75
N ILE A 237 6.94 16.64 2.63
CA ILE A 237 5.91 16.29 1.65
C ILE A 237 6.49 15.51 0.48
N ALA A 238 7.81 15.45 0.34
CA ALA A 238 8.52 14.70 -0.69
C ALA A 238 10.01 14.73 -0.38
N PRO A 239 10.77 13.69 -0.74
CA PRO A 239 12.22 13.69 -0.54
C PRO A 239 13.02 14.27 -1.70
N GLU A 240 12.35 14.82 -2.72
CA GLU A 240 13.00 15.15 -3.99
C GLU A 240 14.21 16.06 -3.81
N LEU A 241 14.03 17.18 -3.09
CA LEU A 241 15.10 18.18 -3.04
C LEU A 241 16.35 17.63 -2.37
N PHE A 242 16.21 16.68 -1.46
CA PHE A 242 17.38 16.07 -0.83
C PHE A 242 18.05 15.07 -1.76
N LEU A 243 17.25 14.27 -2.48
CA LEU A 243 17.82 13.24 -3.34
C LEU A 243 18.64 13.85 -4.49
N LYS A 244 18.21 15.00 -5.01
CA LYS A 244 19.01 15.68 -6.02
C LYS A 244 20.34 16.17 -5.47
N GLN A 245 20.37 16.55 -4.18
CA GLN A 245 21.63 16.95 -3.57
C GLN A 245 22.59 15.77 -3.48
N LEU A 246 22.06 14.56 -3.23
CA LEU A 246 22.91 13.37 -3.23
C LEU A 246 23.52 13.13 -4.60
N VAL A 247 22.74 13.39 -5.66
CA VAL A 247 23.28 13.23 -7.01
C VAL A 247 24.32 14.29 -7.30
N VAL A 248 24.15 15.50 -6.76
CA VAL A 248 25.20 16.51 -6.84
C VAL A 248 26.45 16.04 -6.11
N GLY A 249 26.26 15.27 -5.02
CA GLY A 249 27.38 14.76 -4.25
C GLY A 249 28.15 13.63 -4.87
N GLY A 250 27.63 13.02 -5.94
CA GLY A 250 28.30 11.93 -6.62
C GLY A 250 27.59 10.61 -6.54
N LEU A 251 26.53 10.49 -5.74
CA LEU A 251 25.69 9.29 -5.72
C LEU A 251 24.81 9.35 -6.95
N ASP A 252 25.29 8.75 -8.05
CA ASP A 252 24.64 8.93 -9.34
C ASP A 252 23.29 8.24 -9.43
N ARG A 253 23.04 7.21 -8.61
CA ARG A 253 21.77 6.48 -8.64
C ARG A 253 21.33 6.23 -7.21
N VAL A 254 20.27 6.92 -6.78
CA VAL A 254 19.74 6.80 -5.43
C VAL A 254 18.24 6.55 -5.51
N TYR A 255 17.71 5.89 -4.48
CA TYR A 255 16.27 5.70 -4.38
C TYR A 255 15.89 5.60 -2.91
N GLU A 256 14.63 5.93 -2.63
CA GLU A 256 14.12 5.97 -1.27
C GLU A 256 12.65 5.57 -1.30
N ILE A 257 12.29 4.59 -0.48
CA ILE A 257 10.91 4.15 -0.32
C ILE A 257 10.53 4.44 1.13
N GLY A 258 9.81 5.52 1.36
CA GLY A 258 9.45 5.94 2.69
C GLY A 258 8.14 6.70 2.75
N ARG A 259 7.79 7.20 3.93
CA ARG A 259 6.52 7.87 4.14
C ARG A 259 6.58 9.35 3.77
N GLN A 260 5.47 9.84 3.23
CA GLN A 260 5.25 11.26 2.99
C GLN A 260 4.10 11.74 3.86
N PHE A 261 4.10 13.03 4.16
CA PHE A 261 3.10 13.62 5.05
C PHE A 261 2.52 14.87 4.39
N ARG A 262 1.24 14.79 4.02
CA ARG A 262 0.54 15.89 3.36
C ARG A 262 -0.77 16.16 4.08
N ASN A 263 -0.93 17.38 4.57
CA ASN A 263 -2.09 17.78 5.38
C ASN A 263 -3.27 18.06 4.44
N GLU A 264 -3.96 16.98 4.05
CA GLU A 264 -5.10 17.08 3.17
C GLU A 264 -6.16 16.07 3.59
N GLY A 265 -7.33 16.17 2.97
CA GLY A 265 -8.46 15.37 3.38
C GLY A 265 -8.34 13.92 2.96
N ILE A 266 -9.08 13.07 3.66
CA ILE A 266 -9.10 11.64 3.39
C ILE A 266 -10.12 11.34 2.30
N ASP A 267 -9.74 10.49 1.35
CA ASP A 267 -10.66 9.98 0.35
C ASP A 267 -10.17 8.61 -0.09
N MET A 268 -10.74 8.10 -1.19
CA MET A 268 -10.44 6.74 -1.63
C MET A 268 -9.05 6.60 -2.23
N THR A 269 -8.36 7.70 -2.54
CA THR A 269 -7.01 7.64 -3.08
C THR A 269 -6.05 8.56 -2.33
N HIS A 270 -6.40 8.97 -1.10
CA HIS A 270 -5.58 9.91 -0.35
C HIS A 270 -5.59 9.55 1.13
N ASN A 271 -4.41 9.51 1.72
CA ASN A 271 -4.22 9.38 3.16
C ASN A 271 -3.20 10.44 3.61
N PRO A 272 -3.38 11.01 4.80
CA PRO A 272 -2.43 12.05 5.26
C PRO A 272 -0.99 11.57 5.29
N GLU A 273 -0.76 10.29 5.60
CA GLU A 273 0.55 9.68 5.47
C GLU A 273 0.47 8.53 4.48
N PHE A 274 1.45 8.46 3.59
CA PHE A 274 1.44 7.45 2.53
C PHE A 274 2.87 7.18 2.10
N THR A 275 3.07 6.05 1.42
CA THR A 275 4.39 5.58 1.04
C THR A 275 4.64 5.85 -0.44
N THR A 276 5.81 6.43 -0.74
CA THR A 276 6.16 6.71 -2.16
C THR A 276 7.62 6.32 -2.40
N CYS A 277 7.87 5.79 -3.59
CA CYS A 277 9.21 5.42 -4.06
C CYS A 277 9.69 6.47 -5.05
N GLU A 278 10.85 7.07 -4.78
CA GLU A 278 11.47 8.03 -5.67
C GLU A 278 12.90 7.57 -5.98
N PHE A 279 13.26 7.54 -7.26
CA PHE A 279 14.62 7.22 -7.65
C PHE A 279 15.13 8.27 -8.62
N TYR A 280 16.46 8.45 -8.62
CA TYR A 280 17.13 9.46 -9.42
C TYR A 280 18.34 8.83 -10.09
N GLN A 281 18.45 8.97 -11.42
CA GLN A 281 19.49 8.33 -12.19
C GLN A 281 20.21 9.39 -13.02
N ALA A 282 21.51 9.54 -12.81
CA ALA A 282 22.29 10.50 -13.55
C ALA A 282 22.46 10.05 -15.00
N TYR A 283 22.48 11.01 -15.92
CA TYR A 283 22.71 10.80 -17.34
C TYR A 283 21.56 10.07 -18.03
N ALA A 284 20.36 10.12 -17.45
CA ALA A 284 19.16 9.62 -18.07
C ALA A 284 18.16 10.77 -18.23
N ASP A 285 17.18 10.58 -19.12
CA ASP A 285 16.14 11.58 -19.30
C ASP A 285 14.75 10.94 -19.26
N VAL A 286 13.72 11.71 -19.61
CA VAL A 286 12.34 11.22 -19.54
C VAL A 286 12.18 9.96 -20.38
N TYR A 287 12.77 9.94 -21.57
CA TYR A 287 12.58 8.82 -22.48
C TYR A 287 13.21 7.54 -21.94
N ASP A 288 14.31 7.67 -21.19
CA ASP A 288 14.82 6.53 -20.43
C ASP A 288 13.84 6.14 -19.34
N LEU A 289 13.29 7.13 -18.63
CA LEU A 289 12.36 6.85 -17.54
C LEU A 289 11.06 6.22 -18.05
N MET A 290 10.59 6.64 -19.22
CA MET A 290 9.37 6.07 -19.77
C MET A 290 9.52 4.58 -20.06
N ASP A 291 10.68 4.18 -20.59
CA ASP A 291 10.94 2.76 -20.83
C ASP A 291 11.15 2.02 -19.52
N MET A 292 11.84 2.65 -18.56
CA MET A 292 12.01 2.03 -17.24
C MET A 292 10.66 1.80 -16.57
N THR A 293 9.76 2.78 -16.65
CA THR A 293 8.48 2.69 -15.98
C THR A 293 7.66 1.52 -16.51
N GLU A 294 7.43 1.48 -17.83
CA GLU A 294 6.58 0.43 -18.38
C GLU A 294 7.27 -0.92 -18.42
N LEU A 295 8.61 -0.96 -18.35
CA LEU A 295 9.28 -2.23 -18.14
C LEU A 295 9.07 -2.74 -16.72
N MET A 296 9.25 -1.87 -15.73
CA MET A 296 9.11 -2.27 -14.33
C MET A 296 7.68 -2.67 -13.99
N PHE A 297 6.72 -1.83 -14.38
CA PHE A 297 5.34 -2.05 -13.93
C PHE A 297 4.69 -3.21 -14.68
N SER A 298 4.92 -3.32 -16.00
CA SER A 298 4.33 -4.42 -16.75
C SER A 298 4.84 -5.76 -16.25
N GLU A 299 6.16 -5.88 -16.06
CA GLU A 299 6.73 -7.14 -15.61
C GLU A 299 6.42 -7.41 -14.14
N MET A 300 6.24 -6.36 -13.34
CA MET A 300 5.81 -6.56 -11.96
C MET A 300 4.39 -7.14 -11.91
N VAL A 301 3.50 -6.63 -12.77
CA VAL A 301 2.13 -7.12 -12.78
C VAL A 301 2.10 -8.59 -13.18
N LYS A 302 2.84 -8.96 -14.22
CA LYS A 302 2.84 -10.35 -14.66
C LYS A 302 3.42 -11.28 -13.60
N GLU A 303 4.50 -10.86 -12.94
CA GLU A 303 5.12 -11.71 -11.94
C GLU A 303 4.21 -11.91 -10.73
N ILE A 304 3.51 -10.85 -10.32
CA ILE A 304 2.68 -10.92 -9.11
C ILE A 304 1.28 -11.43 -9.42
N THR A 305 0.69 -10.98 -10.53
CA THR A 305 -0.67 -11.40 -10.89
C THR A 305 -0.70 -12.71 -11.66
N GLY A 306 0.34 -13.03 -12.42
CA GLY A 306 0.31 -14.14 -13.34
C GLY A 306 -0.13 -13.77 -14.73
N SER A 307 -0.61 -12.55 -14.95
CA SER A 307 -1.03 -12.07 -16.24
C SER A 307 -0.64 -10.60 -16.39
N TYR A 308 -0.56 -10.15 -17.64
CA TYR A 308 -0.37 -8.74 -17.93
C TYR A 308 -1.65 -7.93 -17.81
N ILE A 309 -2.78 -8.58 -17.54
CA ILE A 309 -4.09 -7.94 -17.51
C ILE A 309 -4.71 -8.14 -16.14
N ILE A 310 -5.24 -7.08 -15.56
CA ILE A 310 -5.87 -7.10 -14.24
C ILE A 310 -7.34 -6.72 -14.42
N LYS A 311 -8.22 -7.43 -13.71
CA LYS A 311 -9.62 -7.07 -13.62
C LYS A 311 -9.83 -6.26 -12.34
N TYR A 312 -10.19 -4.99 -12.49
CA TYR A 312 -10.35 -4.07 -11.38
C TYR A 312 -11.81 -3.67 -11.24
N HIS A 313 -12.27 -3.53 -10.00
CA HIS A 313 -13.66 -3.20 -9.68
C HIS A 313 -13.67 -1.90 -8.89
N PRO A 314 -13.82 -0.74 -9.56
CA PRO A 314 -13.59 0.54 -8.89
C PRO A 314 -14.72 1.01 -7.99
N ASP A 315 -15.97 0.68 -8.32
CA ASP A 315 -17.12 1.24 -7.61
C ASP A 315 -17.55 0.32 -6.49
N PRO A 316 -17.54 0.78 -5.23
CA PRO A 316 -18.04 -0.08 -4.14
C PRO A 316 -19.55 -0.20 -4.12
N ALA A 317 -20.27 0.78 -4.67
CA ALA A 317 -21.73 0.68 -4.76
C ALA A 317 -22.18 -0.26 -5.87
N ASP A 318 -21.30 -0.57 -6.82
CA ASP A 318 -21.61 -1.47 -7.93
C ASP A 318 -20.43 -2.40 -8.15
N PRO A 319 -20.30 -3.44 -7.32
CA PRO A 319 -19.17 -4.37 -7.47
C PRO A 319 -19.17 -5.13 -8.79
N ALA A 320 -20.27 -5.09 -9.55
CA ALA A 320 -20.28 -5.75 -10.84
C ALA A 320 -19.49 -4.99 -11.89
N LYS A 321 -19.40 -3.67 -11.71
CA LYS A 321 -18.61 -2.82 -12.66
C LYS A 321 -17.20 -3.37 -12.71
N GLU A 322 -16.73 -3.76 -13.90
CA GLU A 322 -15.42 -4.36 -14.04
C GLU A 322 -14.60 -3.60 -15.08
N LEU A 323 -13.40 -3.18 -14.68
CA LEU A 323 -12.43 -2.59 -15.59
C LEU A 323 -11.31 -3.59 -15.87
N GLU A 324 -10.79 -3.52 -17.11
CA GLU A 324 -9.72 -4.41 -17.55
C GLU A 324 -8.47 -3.57 -17.76
N LEU A 325 -7.48 -3.74 -16.89
CA LEU A 325 -6.25 -2.96 -16.93
C LEU A 325 -5.18 -3.75 -17.67
N ASN A 326 -4.86 -3.32 -18.89
CA ASN A 326 -3.91 -4.01 -19.75
C ASN A 326 -2.56 -3.30 -19.64
N PHE A 327 -1.63 -3.92 -18.92
CA PHE A 327 -0.29 -3.35 -18.73
C PHE A 327 0.70 -3.77 -19.81
N SER A 328 0.21 -4.35 -20.91
CA SER A 328 1.10 -4.80 -21.97
C SER A 328 1.80 -3.62 -22.64
N ARG A 329 3.03 -3.85 -23.05
CA ARG A 329 3.81 -2.84 -23.75
C ARG A 329 3.56 -2.91 -25.25
N PRO A 330 3.60 -1.77 -25.95
CA PRO A 330 3.87 -0.43 -25.41
C PRO A 330 2.65 0.23 -24.81
N TRP A 331 2.86 1.12 -23.85
CA TRP A 331 1.76 1.88 -23.28
C TRP A 331 1.40 3.06 -24.18
N LYS A 332 0.14 3.48 -24.09
CA LYS A 332 -0.30 4.64 -24.84
C LYS A 332 0.38 5.91 -24.31
N ARG A 333 0.82 6.76 -25.24
CA ARG A 333 1.45 8.02 -24.90
C ARG A 333 0.66 9.15 -25.57
N ILE A 334 0.36 10.19 -24.80
CA ILE A 334 -0.36 11.35 -25.32
C ILE A 334 0.32 12.63 -24.83
N ASN A 335 0.28 13.65 -25.67
CA ASN A 335 0.77 14.98 -25.30
C ASN A 335 -0.37 15.79 -24.71
N MET A 336 -0.12 16.42 -23.56
CA MET A 336 -1.18 17.06 -22.79
C MET A 336 -1.90 18.14 -23.60
N ILE A 337 -1.17 19.18 -23.99
CA ILE A 337 -1.80 20.32 -24.65
C ILE A 337 -2.38 19.91 -26.00
N GLU A 338 -1.67 19.01 -26.72
CA GLU A 338 -2.16 18.54 -28.01
C GLU A 338 -3.54 17.90 -27.88
N GLU A 339 -3.73 17.07 -26.84
CA GLU A 339 -5.01 16.40 -26.66
C GLU A 339 -6.05 17.29 -25.98
N LEU A 340 -5.61 18.25 -25.17
CA LEU A 340 -6.54 19.24 -24.62
C LEU A 340 -7.17 20.06 -25.74
N GLU A 341 -6.39 20.35 -26.79
CA GLU A 341 -6.95 21.06 -27.94
C GLU A 341 -8.03 20.22 -28.63
N LYS A 342 -7.83 18.91 -28.69
CA LYS A 342 -8.83 18.03 -29.30
C LYS A 342 -10.04 17.84 -28.40
N VAL A 343 -9.84 17.82 -27.08
CA VAL A 343 -10.95 17.59 -26.16
C VAL A 343 -11.95 18.72 -26.23
N PHE A 344 -11.49 19.96 -26.35
CA PHE A 344 -12.36 21.13 -26.35
C PHE A 344 -12.49 21.78 -27.72
N ASN A 345 -11.83 21.26 -28.74
CA ASN A 345 -11.90 21.79 -30.10
C ASN A 345 -11.59 23.29 -30.12
N VAL A 346 -10.38 23.63 -29.68
CA VAL A 346 -9.93 25.01 -29.63
C VAL A 346 -8.41 25.01 -29.57
N LYS A 347 -7.80 25.97 -30.26
CA LYS A 347 -6.35 26.09 -30.27
C LYS A 347 -5.89 26.81 -29.01
N PHE A 348 -4.99 26.17 -28.27
CA PHE A 348 -4.47 26.73 -27.04
C PHE A 348 -3.37 27.75 -27.32
N PRO A 349 -3.06 28.61 -26.35
CA PRO A 349 -1.93 29.54 -26.52
C PRO A 349 -0.62 28.81 -26.78
N SER A 350 0.40 29.60 -27.13
CA SER A 350 1.63 29.04 -27.68
C SER A 350 2.36 28.15 -26.69
N GLY A 351 2.21 28.41 -25.39
CA GLY A 351 2.91 27.62 -24.40
C GLY A 351 3.85 28.43 -23.55
N ASP A 352 4.60 29.34 -24.20
CA ASP A 352 5.33 30.36 -23.45
C ASP A 352 4.41 31.47 -22.95
N GLN A 353 3.13 31.42 -23.33
CA GLN A 353 2.13 32.37 -22.89
C GLN A 353 1.12 31.78 -21.92
N LEU A 354 1.32 30.53 -21.49
CA LEU A 354 0.35 29.86 -20.64
C LEU A 354 0.29 30.44 -19.23
N HIS A 355 1.25 31.28 -18.85
CA HIS A 355 1.27 31.90 -17.54
C HIS A 355 0.57 33.26 -17.52
N THR A 356 0.27 33.83 -18.69
CA THR A 356 -0.22 35.19 -18.75
C THR A 356 -1.68 35.28 -18.29
N ALA A 357 -2.08 36.50 -17.91
CA ALA A 357 -3.46 36.72 -17.47
C ALA A 357 -4.44 36.59 -18.62
N GLU A 358 -4.00 36.83 -19.86
CA GLU A 358 -4.85 36.59 -21.01
C GLU A 358 -5.19 35.10 -21.13
N THR A 359 -4.21 34.23 -20.84
CA THR A 359 -4.48 32.80 -20.81
C THR A 359 -5.41 32.45 -19.66
N GLY A 360 -5.30 33.14 -18.54
CA GLY A 360 -6.17 32.86 -17.40
C GLY A 360 -7.64 33.05 -17.74
N GLU A 361 -7.97 34.12 -18.47
CA GLU A 361 -9.34 34.31 -18.92
C GLU A 361 -9.75 33.20 -19.88
N PHE A 362 -8.84 32.81 -20.77
CA PHE A 362 -9.12 31.72 -21.71
C PHE A 362 -9.46 30.42 -20.98
N LEU A 363 -8.72 30.12 -19.91
CA LEU A 363 -8.96 28.88 -19.17
C LEU A 363 -10.28 28.92 -18.42
N LYS A 364 -10.60 30.06 -17.79
CA LYS A 364 -11.84 30.14 -17.02
C LYS A 364 -13.06 30.06 -17.92
N LYS A 365 -12.98 30.64 -19.12
CA LYS A 365 -14.10 30.56 -20.05
C LYS A 365 -14.43 29.12 -20.41
N ILE A 366 -13.40 28.28 -20.54
CA ILE A 366 -13.63 26.86 -20.79
C ILE A 366 -14.25 26.20 -19.56
N LEU A 367 -13.81 26.60 -18.37
CA LEU A 367 -14.31 25.97 -17.15
C LEU A 367 -15.78 26.31 -16.91
N VAL A 368 -16.18 27.56 -17.13
CA VAL A 368 -17.56 27.93 -16.84
C VAL A 368 -18.50 27.48 -17.96
N ASP A 369 -18.03 27.40 -19.21
CA ASP A 369 -18.88 26.93 -20.29
C ASP A 369 -19.18 25.44 -20.12
N ASN A 370 -18.20 24.66 -19.72
CA ASN A 370 -18.34 23.22 -19.53
C ASN A 370 -18.82 22.86 -18.13
N LYS A 371 -19.16 23.85 -17.30
CA LYS A 371 -19.67 23.62 -15.95
C LYS A 371 -18.70 22.80 -15.10
N LEU A 372 -17.40 23.07 -15.25
CA LEU A 372 -16.36 22.44 -14.44
C LEU A 372 -16.00 23.39 -13.30
N GLU A 373 -16.24 22.94 -12.07
CA GLU A 373 -15.96 23.78 -10.91
C GLU A 373 -14.52 23.60 -10.49
N CYS A 374 -13.80 24.72 -10.49
CA CYS A 374 -12.44 24.77 -9.97
C CYS A 374 -12.42 25.54 -8.67
N PRO A 375 -12.08 24.92 -7.55
CA PRO A 375 -12.03 25.65 -6.27
C PRO A 375 -10.92 26.68 -6.26
N PRO A 376 -11.18 27.85 -5.70
CA PRO A 376 -10.17 28.92 -5.71
C PRO A 376 -8.95 28.54 -4.90
N PRO A 377 -7.79 29.18 -5.14
CA PRO A 377 -7.53 30.22 -6.14
C PRO A 377 -7.50 29.72 -7.59
N LEU A 378 -7.95 30.58 -8.49
CA LEU A 378 -8.04 30.26 -9.92
C LEU A 378 -6.76 30.69 -10.65
N THR A 379 -5.64 30.17 -10.18
CA THR A 379 -4.39 30.35 -10.90
C THR A 379 -4.40 29.48 -12.16
N ASN A 380 -3.60 29.89 -13.15
CA ASN A 380 -3.57 29.16 -14.42
C ASN A 380 -3.14 27.71 -14.22
N ALA A 381 -2.29 27.45 -13.23
CA ALA A 381 -1.80 26.09 -13.02
C ALA A 381 -2.90 25.16 -12.56
N ARG A 382 -3.76 25.62 -11.64
CA ARG A 382 -4.89 24.90 -11.05
C ARG A 382 -6.04 24.72 -12.03
N MET A 383 -6.34 25.80 -12.77
CA MET A 383 -7.38 25.73 -13.78
C MET A 383 -7.02 24.73 -14.86
N LEU A 384 -5.76 24.76 -15.33
CA LEU A 384 -5.33 23.79 -16.33
C LEU A 384 -5.31 22.39 -15.76
N ASP A 385 -4.89 22.24 -14.50
CA ASP A 385 -4.89 20.93 -13.86
C ASP A 385 -6.29 20.33 -13.82
N LYS A 386 -7.30 21.17 -13.58
CA LYS A 386 -8.68 20.70 -13.61
C LYS A 386 -9.07 20.25 -15.02
N LEU A 387 -8.62 20.99 -16.04
CA LEU A 387 -8.94 20.61 -17.42
C LEU A 387 -8.28 19.29 -17.80
N VAL A 388 -7.06 19.05 -17.29
CA VAL A 388 -6.35 17.81 -17.60
C VAL A 388 -7.11 16.60 -17.06
N GLY A 389 -7.93 16.80 -16.02
CA GLY A 389 -8.74 15.70 -15.51
C GLY A 389 -9.64 15.09 -16.55
N GLU A 390 -10.10 15.89 -17.52
CA GLU A 390 -10.94 15.35 -18.59
C GLU A 390 -10.17 14.34 -19.44
N LEU A 391 -8.84 14.46 -19.50
CA LEU A 391 -8.03 13.45 -20.15
C LEU A 391 -7.87 12.22 -19.25
N GLU A 392 -7.59 12.45 -17.96
CA GLU A 392 -7.36 11.36 -17.03
C GLU A 392 -8.55 10.41 -16.97
N ASP A 393 -9.77 10.91 -17.15
CA ASP A 393 -10.97 10.13 -16.93
C ASP A 393 -11.23 9.08 -18.01
N THR A 394 -10.38 9.00 -19.04
CA THR A 394 -10.47 7.93 -20.03
C THR A 394 -9.20 7.11 -20.11
N CYS A 395 -8.29 7.27 -19.15
CA CYS A 395 -7.07 6.47 -19.08
C CYS A 395 -7.35 5.28 -18.17
N ILE A 396 -7.76 4.16 -18.78
CA ILE A 396 -8.00 2.93 -18.04
C ILE A 396 -6.69 2.14 -17.97
N ASN A 397 -6.16 1.78 -19.13
CA ASN A 397 -4.85 1.18 -19.20
C ASN A 397 -3.79 2.19 -18.76
N PRO A 398 -2.63 1.72 -18.29
CA PRO A 398 -1.54 2.65 -17.95
C PRO A 398 -1.19 3.53 -19.14
N THR A 399 -1.33 4.84 -18.95
CA THR A 399 -1.20 5.80 -20.04
C THR A 399 -0.28 6.93 -19.62
N PHE A 400 0.68 7.26 -20.49
CA PHE A 400 1.54 8.40 -20.27
C PHE A 400 0.84 9.69 -20.71
N ILE A 401 0.86 10.70 -19.86
CA ILE A 401 0.47 12.06 -20.23
C ILE A 401 1.71 12.93 -20.12
N PHE A 402 2.16 13.45 -21.26
CA PHE A 402 3.49 14.02 -21.40
C PHE A 402 3.39 15.49 -21.81
N GLY A 403 4.29 16.31 -21.26
CA GLY A 403 4.45 17.68 -21.73
C GLY A 403 3.77 18.73 -20.87
N HIS A 404 3.84 18.58 -19.55
CA HIS A 404 3.25 19.56 -18.66
C HIS A 404 3.90 20.93 -18.86
N PRO A 405 3.12 22.01 -18.73
CA PRO A 405 3.70 23.34 -18.85
C PRO A 405 4.64 23.67 -17.70
N GLN A 406 5.46 24.72 -17.91
CA GLN A 406 6.46 25.08 -16.91
C GLN A 406 5.83 25.68 -15.66
N MET A 407 4.70 26.37 -15.80
CA MET A 407 4.03 26.94 -14.64
C MET A 407 3.51 25.87 -13.68
N MET A 408 3.39 24.63 -14.16
CA MET A 408 2.94 23.52 -13.32
C MET A 408 4.07 22.63 -12.83
N SER A 409 5.30 22.82 -13.34
CA SER A 409 6.41 21.91 -13.07
C SER A 409 7.65 22.72 -12.72
N PRO A 410 7.69 23.28 -11.51
CA PRO A 410 8.82 24.14 -11.14
C PRO A 410 10.16 23.42 -11.02
N LEU A 411 10.17 22.09 -10.99
CA LEU A 411 11.41 21.34 -10.87
C LEU A 411 11.69 20.44 -12.07
N ALA A 412 10.86 20.48 -13.11
CA ALA A 412 11.11 19.73 -14.33
C ALA A 412 11.84 20.59 -15.34
N LYS A 413 12.73 19.96 -16.10
CA LYS A 413 13.53 20.67 -17.08
C LYS A 413 12.68 21.08 -18.28
N TYR A 414 12.98 22.25 -18.83
CA TYR A 414 12.29 22.72 -20.02
C TYR A 414 12.46 21.74 -21.17
N SER A 415 11.49 21.72 -22.07
CA SER A 415 11.56 20.83 -23.23
C SER A 415 12.63 21.32 -24.19
N ARG A 416 13.30 20.36 -24.84
CA ARG A 416 14.37 20.71 -25.76
C ARG A 416 13.86 21.28 -27.08
N ASP A 417 12.60 21.04 -27.43
CA ASP A 417 12.05 21.55 -28.68
C ASP A 417 10.76 22.32 -28.48
N GLN A 418 9.93 21.90 -27.53
CA GLN A 418 8.66 22.57 -27.28
C GLN A 418 8.86 23.72 -26.31
N PRO A 419 8.63 24.98 -26.72
CA PRO A 419 9.09 26.13 -25.93
C PRO A 419 8.57 26.20 -24.50
N GLY A 420 7.26 26.23 -24.32
CA GLY A 420 6.72 26.45 -22.99
C GLY A 420 6.48 25.23 -22.15
N LEU A 421 6.84 24.04 -22.63
CA LEU A 421 6.52 22.79 -21.96
C LEU A 421 7.77 22.20 -21.32
N CYS A 422 7.55 21.18 -20.49
CA CYS A 422 8.61 20.48 -19.79
C CYS A 422 8.67 19.03 -20.26
N GLU A 423 9.86 18.43 -20.12
CA GLU A 423 10.02 16.99 -20.28
C GLU A 423 9.50 16.34 -19.01
N ARG A 424 8.19 16.09 -18.97
CA ARG A 424 7.54 15.53 -17.79
C ARG A 424 6.44 14.57 -18.23
N PHE A 425 6.19 13.54 -17.43
CA PHE A 425 5.09 12.64 -17.69
C PHE A 425 4.48 12.18 -16.37
N GLU A 426 3.18 11.90 -16.43
CA GLU A 426 2.46 11.23 -15.36
C GLU A 426 1.80 9.98 -15.94
N VAL A 427 1.76 8.92 -15.16
CA VAL A 427 1.13 7.67 -15.56
C VAL A 427 -0.21 7.54 -14.85
N PHE A 428 -1.26 7.26 -15.60
CA PHE A 428 -2.60 7.11 -15.04
C PHE A 428 -3.11 5.70 -15.29
N VAL A 429 -3.73 5.12 -14.27
CA VAL A 429 -4.29 3.78 -14.32
C VAL A 429 -5.68 3.85 -13.71
N ALA A 430 -6.68 3.42 -14.47
CA ALA A 430 -8.08 3.48 -14.04
C ALA A 430 -8.44 4.88 -13.56
N THR A 431 -7.95 5.89 -14.29
CA THR A 431 -8.17 7.33 -14.10
C THR A 431 -7.42 7.90 -12.89
N LYS A 432 -6.56 7.12 -12.23
CA LYS A 432 -5.84 7.59 -11.05
C LYS A 432 -4.36 7.70 -11.36
N GLU A 433 -3.71 8.72 -10.78
CA GLU A 433 -2.29 8.95 -11.01
C GLU A 433 -1.46 8.05 -10.11
N ILE A 434 -0.61 7.22 -10.72
CA ILE A 434 0.20 6.27 -9.96
C ILE A 434 1.67 6.67 -9.88
N CYS A 435 2.16 7.51 -10.79
CA CYS A 435 3.56 7.91 -10.70
C CYS A 435 3.77 9.21 -11.47
N ASN A 436 4.84 9.91 -11.08
CA ASN A 436 5.19 11.23 -11.62
C ASN A 436 6.69 11.27 -11.82
N ALA A 437 7.12 11.63 -13.02
CA ALA A 437 8.54 11.61 -13.37
C ALA A 437 8.84 12.67 -14.41
N TYR A 438 10.08 13.14 -14.43
CA TYR A 438 10.49 14.11 -15.43
C TYR A 438 12.02 14.16 -15.50
N THR A 439 12.50 14.92 -16.48
CA THR A 439 13.93 15.24 -16.58
C THR A 439 14.25 16.31 -15.56
N GLU A 440 15.18 16.02 -14.65
CA GLU A 440 15.50 16.94 -13.57
C GLU A 440 15.99 18.27 -14.11
N LEU A 441 15.40 19.36 -13.62
CA LEU A 441 15.85 20.70 -13.96
C LEU A 441 17.18 20.97 -13.27
N ASN A 442 18.28 20.95 -14.04
CA ASN A 442 19.61 21.16 -13.51
C ASN A 442 20.16 22.53 -13.86
N ASP A 443 19.27 23.50 -14.13
CA ASP A 443 19.64 24.83 -14.56
C ASP A 443 19.34 25.83 -13.45
N PRO A 444 20.33 26.28 -12.69
CA PRO A 444 20.03 27.17 -11.55
C PRO A 444 19.44 28.50 -11.97
N PHE A 445 19.78 29.00 -13.15
CA PHE A 445 19.19 30.26 -13.62
C PHE A 445 17.70 30.10 -13.89
N ASP A 446 17.33 29.05 -14.63
CA ASP A 446 15.91 28.81 -14.88
C ASP A 446 15.19 28.35 -13.62
N GLN A 447 15.90 27.68 -12.70
CA GLN A 447 15.26 27.21 -11.47
C GLN A 447 14.77 28.38 -10.63
N ARG A 448 15.57 29.44 -10.60
CA ARG A 448 15.23 30.69 -9.86
C ARG A 448 13.97 31.28 -10.47
N ALA A 449 13.87 31.25 -11.81
CA ALA A 449 12.70 31.76 -12.51
C ALA A 449 11.45 30.98 -12.12
N ARG A 450 11.55 29.65 -12.10
CA ARG A 450 10.41 28.84 -11.69
C ARG A 450 10.03 29.12 -10.24
N PHE A 451 11.01 29.33 -9.38
CA PHE A 451 10.72 29.62 -7.98
C PHE A 451 10.07 30.99 -7.82
N GLU A 452 10.44 31.96 -8.66
CA GLU A 452 9.78 33.25 -8.64
C GLU A 452 8.35 33.13 -9.16
N GLU A 453 8.14 32.32 -10.20
CA GLU A 453 6.79 32.12 -10.73
C GLU A 453 5.89 31.46 -9.70
N GLN A 454 6.43 30.50 -8.95
CA GLN A 454 5.67 29.89 -7.86
C GLN A 454 5.34 30.91 -6.79
N ALA A 455 6.28 31.82 -6.50
CA ALA A 455 6.03 32.85 -5.50
C ALA A 455 4.90 33.77 -5.93
N ARG A 456 4.79 34.04 -7.24
CA ARG A 456 3.68 34.85 -7.72
C ARG A 456 2.37 34.08 -7.71
N GLN A 457 2.43 32.76 -7.92
CA GLN A 457 1.22 31.94 -7.76
C GLN A 457 0.74 31.95 -6.31
N LYS A 458 1.67 31.96 -5.36
CA LYS A 458 1.28 32.08 -3.96
C LYS A 458 0.72 33.47 -3.66
N ASP A 459 1.19 34.49 -4.38
CA ASP A 459 0.66 35.84 -4.18
C ASP A 459 -0.81 35.92 -4.55
N GLN A 460 -1.26 35.10 -5.50
CA GLN A 460 -2.67 35.08 -5.89
C GLN A 460 -3.46 34.01 -5.14
N GLY A 461 -2.91 33.45 -4.05
CA GLY A 461 -3.69 32.67 -3.13
C GLY A 461 -3.37 31.19 -3.05
N ASP A 462 -2.40 30.69 -3.81
CA ASP A 462 -2.06 29.26 -3.79
C ASP A 462 -1.04 29.02 -2.70
N ASP A 463 -1.53 28.68 -1.50
CA ASP A 463 -0.66 28.45 -0.36
C ASP A 463 0.18 27.18 -0.47
N GLU A 464 -0.10 26.33 -1.45
CA GLU A 464 0.64 25.10 -1.64
C GLU A 464 1.80 25.25 -2.63
N ALA A 465 2.06 26.45 -3.11
CA ALA A 465 3.10 26.66 -4.11
C ALA A 465 4.49 26.38 -3.52
N GLN A 466 5.41 25.99 -4.40
CA GLN A 466 6.76 25.58 -3.99
C GLN A 466 7.67 26.80 -4.05
N LEU A 467 7.94 27.41 -2.91
CA LEU A 467 8.86 28.54 -2.84
C LEU A 467 10.31 28.05 -2.80
N VAL A 468 11.24 29.00 -2.88
CA VAL A 468 12.64 28.67 -3.13
C VAL A 468 13.29 28.07 -1.89
N ASP A 469 14.14 27.07 -2.12
CA ASP A 469 15.04 26.53 -1.10
C ASP A 469 16.46 26.91 -1.52
N GLU A 470 17.09 27.80 -0.75
CA GLU A 470 18.37 28.37 -1.18
C GLU A 470 19.51 27.38 -1.07
N THR A 471 19.45 26.45 -0.12
CA THR A 471 20.46 25.40 -0.05
C THR A 471 20.40 24.51 -1.28
N PHE A 472 19.19 24.10 -1.68
CA PHE A 472 19.02 23.34 -2.90
C PHE A 472 19.50 24.13 -4.12
N CYS A 473 19.23 25.44 -4.13
CA CYS A 473 19.73 26.29 -5.20
C CYS A 473 21.25 26.34 -5.21
N ASN A 474 21.87 26.29 -4.03
CA ASN A 474 23.33 26.25 -3.94
C ASN A 474 23.88 24.97 -4.56
N ALA A 475 23.20 23.85 -4.34
CA ALA A 475 23.66 22.58 -4.91
C ALA A 475 23.61 22.61 -6.43
N LEU A 476 22.57 23.21 -7.00
CA LEU A 476 22.48 23.33 -8.45
C LEU A 476 23.60 24.21 -8.99
N GLU A 477 24.06 25.18 -8.20
CA GLU A 477 25.16 26.03 -8.65
C GLU A 477 26.49 25.28 -8.68
N TYR A 478 26.67 24.34 -7.75
CA TYR A 478 27.84 23.45 -7.82
C TYR A 478 27.72 22.46 -8.96
N GLY A 479 26.51 22.18 -9.42
CA GLY A 479 26.31 21.38 -10.61
C GLY A 479 25.61 20.07 -10.37
N LEU A 480 24.34 20.00 -10.78
CA LEU A 480 23.64 18.73 -10.88
C LEU A 480 23.81 18.20 -12.29
N PRO A 481 24.31 17.00 -12.48
CA PRO A 481 24.44 16.44 -13.83
C PRO A 481 23.07 16.32 -14.47
N PRO A 482 23.00 16.15 -15.79
CA PRO A 482 21.72 15.79 -16.41
C PRO A 482 21.25 14.45 -15.84
N THR A 483 20.13 14.48 -15.13
CA THR A 483 19.55 13.27 -14.53
C THR A 483 18.07 13.22 -14.81
N GLY A 484 17.50 12.04 -14.58
CA GLY A 484 16.06 11.83 -14.66
C GLY A 484 15.51 11.37 -13.31
N GLY A 485 14.36 11.91 -12.94
CA GLY A 485 13.75 11.59 -11.66
C GLY A 485 12.39 10.96 -11.80
N TRP A 486 11.93 10.29 -10.75
CA TRP A 486 10.78 9.40 -10.86
C TRP A 486 10.22 9.16 -9.48
N GLY A 487 8.89 9.22 -9.36
CA GLY A 487 8.23 8.95 -8.10
C GLY A 487 6.87 8.30 -8.31
N CYS A 488 6.53 7.32 -7.48
CA CYS A 488 5.26 6.61 -7.61
C CYS A 488 4.60 6.45 -6.25
N GLY A 489 3.29 6.22 -6.29
CA GLY A 489 2.52 5.97 -5.08
C GLY A 489 2.36 4.48 -4.80
N ILE A 490 3.10 3.98 -3.80
CA ILE A 490 3.07 2.56 -3.48
C ILE A 490 1.65 2.13 -3.11
N ASP A 491 0.97 2.94 -2.29
CA ASP A 491 -0.37 2.57 -1.84
C ASP A 491 -1.33 2.42 -3.01
N ARG A 492 -1.20 3.28 -4.04
CA ARG A 492 -2.09 3.19 -5.18
C ARG A 492 -1.76 1.99 -6.05
N LEU A 493 -0.47 1.66 -6.19
CA LEU A 493 -0.09 0.43 -6.87
C LEU A 493 -0.71 -0.79 -6.17
N ALA A 494 -0.70 -0.79 -4.83
CA ALA A 494 -1.29 -1.91 -4.10
C ALA A 494 -2.78 -2.02 -4.35
N MET A 495 -3.46 -0.88 -4.53
CA MET A 495 -4.90 -0.89 -4.78
C MET A 495 -5.23 -1.68 -6.04
N PHE A 496 -4.53 -1.40 -7.14
CA PHE A 496 -4.86 -2.00 -8.41
C PHE A 496 -4.37 -3.44 -8.53
N LEU A 497 -3.33 -3.81 -7.79
CA LEU A 497 -2.82 -5.17 -7.83
C LEU A 497 -3.49 -6.09 -6.83
N THR A 498 -4.25 -5.53 -5.87
CA THR A 498 -5.03 -6.32 -4.94
C THR A 498 -6.53 -6.17 -5.16
N ASP A 499 -6.93 -5.44 -6.21
CA ASP A 499 -8.33 -5.16 -6.52
C ASP A 499 -9.03 -4.53 -5.31
N SER A 500 -8.49 -3.41 -4.87
CA SER A 500 -9.05 -2.64 -3.77
C SER A 500 -9.56 -1.31 -4.31
N ASN A 501 -10.82 -0.99 -4.01
CA ASN A 501 -11.41 0.23 -4.51
C ASN A 501 -11.12 1.45 -3.65
N THR A 502 -10.47 1.27 -2.51
CA THR A 502 -10.11 2.39 -1.64
C THR A 502 -8.73 2.16 -1.06
N ILE A 503 -8.02 3.26 -0.81
CA ILE A 503 -6.67 3.18 -0.27
C ILE A 503 -6.68 2.69 1.18
N ARG A 504 -7.80 2.87 1.88
CA ARG A 504 -7.91 2.44 3.27
C ARG A 504 -7.97 0.92 3.41
N GLU A 505 -7.99 0.19 2.29
CA GLU A 505 -7.93 -1.25 2.49
C GLU A 505 -6.58 -1.85 2.10
N VAL A 506 -5.65 -1.05 1.58
CA VAL A 506 -4.25 -1.48 1.42
C VAL A 506 -3.35 -0.84 2.45
N LEU A 507 -3.90 -0.11 3.41
CA LEU A 507 -3.17 0.41 4.56
C LEU A 507 -3.57 -0.40 5.78
N LEU A 508 -2.57 -0.91 6.51
CA LEU A 508 -2.86 -1.74 7.67
C LEU A 508 -3.69 -0.98 8.70
N PHE A 509 -3.23 0.19 9.11
CA PHE A 509 -3.93 1.03 10.07
C PHE A 509 -4.16 2.40 9.43
N PRO A 510 -5.24 2.56 8.66
CA PRO A 510 -5.47 3.83 7.98
C PRO A 510 -5.85 4.94 8.95
N THR A 511 -5.55 6.17 8.54
CA THR A 511 -5.82 7.34 9.37
C THR A 511 -7.30 7.43 9.70
N LEU A 512 -7.61 7.45 10.99
CA LEU A 512 -8.98 7.29 11.46
C LEU A 512 -9.62 8.65 11.71
N LYS A 513 -10.77 8.88 11.09
CA LYS A 513 -11.65 9.98 11.48
C LYS A 513 -12.35 9.56 12.77
N PRO A 514 -11.97 10.13 13.90
CA PRO A 514 -12.36 9.54 15.19
C PRO A 514 -13.81 9.79 15.55
#